data_2WGZ
#
_entry.id   2WGZ
#
_cell.length_a   45.146
_cell.length_b   94.222
_cell.length_c   94.465
_cell.angle_alpha   90.00
_cell.angle_beta   99.05
_cell.angle_gamma   90.00
#
_symmetry.space_group_name_H-M   'P 1 21 1'
#
loop_
_entity.id
_entity.type
_entity.pdbx_description
1 polymer 'N-ACETYLLACTOSAMINIDE ALPHA-1,3-GALACTOSYL TRANSFERASE'
2 non-polymer '4-nitrophenyl beta-D-galactopyranoside'
3 non-polymer 'MANGANESE (II) ION'
4 non-polymer "URIDINE-5'-DIPHOSPHATE"
5 non-polymer GLYCEROL
6 non-polymer beta-D-galactopyranose
7 non-polymer P-NITROPHENOL
8 water water
#
_entity_poly.entity_id   1
_entity_poly.type   'polypeptide(L)'
_entity_poly.pdbx_seq_one_letter_code
;ESKLKLSDWFNPFKRPEVVTMTKWKAPVVWEGTYNRAVLDNYYAKQKITVGLTVFAVGRYIEHYLEEFLTSANKHFMVGH
PVIFYIMVDDVSRMPLIELGPLRSFKVFKIKPEKRWQDISMMRMKTIGEHIVAHIQHEVDFLFCMDVDQVFQDKFGVETL
GESVAQLQAWWYKADPNDFTYERRKESAAYIPFGEGDFYYHAAIFGGTPTQVLNITQECFKGILKDKKNDIEAQWHDESH
LNKYFLLNKPTKILSPEYCWDYHIGLPADIKLVKMSWQTKEYNVVRNNVR
;
_entity_poly.pdbx_strand_id   A,B
#
loop_
_chem_comp.id
_chem_comp.type
_chem_comp.name
_chem_comp.formula
147 D-saccharide '4-nitrophenyl beta-D-galactopyranoside' 'C12 H15 N O8'
GAL D-saccharide, beta linking beta-D-galactopyranose 'C6 H12 O6'
GOL non-polymer GLYCEROL 'C3 H8 O3'
MN non-polymer 'MANGANESE (II) ION' 'Mn 2'
NPO non-polymer P-NITROPHENOL 'C6 H5 N O3'
UDP RNA linking URIDINE-5'-DIPHOSPHATE 'C9 H14 N2 O12 P2'
#
# COMPACT_ATOMS: atom_id res chain seq x y z
N LYS A 3 20.33 -18.60 -8.36
CA LYS A 3 19.30 -19.24 -7.49
C LYS A 3 19.83 -19.39 -6.05
N LEU A 4 19.04 -18.90 -5.10
CA LEU A 4 19.43 -18.86 -3.69
C LEU A 4 19.60 -20.25 -3.06
N LYS A 5 20.76 -20.47 -2.46
CA LYS A 5 21.05 -21.68 -1.71
C LYS A 5 21.14 -21.32 -0.21
N LEU A 6 20.84 -22.29 0.65
CA LEU A 6 20.85 -22.08 2.10
C LEU A 6 22.19 -21.54 2.62
N SER A 7 23.29 -22.08 2.09
CA SER A 7 24.63 -21.69 2.52
C SER A 7 25.03 -20.28 2.09
N ASP A 8 24.30 -19.70 1.13
CA ASP A 8 24.52 -18.31 0.70
C ASP A 8 24.30 -17.32 1.84
N TRP A 9 23.40 -17.67 2.76
CA TRP A 9 22.97 -16.74 3.81
C TRP A 9 22.95 -17.35 5.21
N PHE A 10 22.94 -18.68 5.30
CA PHE A 10 22.78 -19.36 6.59
C PHE A 10 24.03 -20.15 7.02
N ASN A 11 24.55 -19.79 8.18
CA ASN A 11 25.72 -20.45 8.76
C ASN A 11 25.38 -20.90 10.18
N PRO A 12 25.04 -22.20 10.35
CA PRO A 12 24.64 -22.75 11.64
C PRO A 12 25.77 -22.76 12.70
N PHE A 13 27.01 -22.80 12.22
CA PHE A 13 28.18 -22.93 13.10
C PHE A 13 28.47 -21.65 13.88
N LYS A 14 27.78 -20.56 13.54
CA LYS A 14 27.85 -19.32 14.30
C LYS A 14 27.10 -19.41 15.65
N ARG A 15 26.18 -20.37 15.75
CA ARG A 15 25.42 -20.60 16.99
C ARG A 15 25.43 -22.10 17.36
N PRO A 16 26.56 -22.60 17.89
CA PRO A 16 26.75 -24.04 18.12
C PRO A 16 25.98 -24.63 19.31
N GLU A 17 25.52 -23.78 20.23
CA GLU A 17 24.88 -24.25 21.46
C GLU A 17 23.35 -24.30 21.41
N VAL A 18 22.79 -24.12 20.20
CA VAL A 18 21.35 -24.20 19.99
C VAL A 18 21.05 -25.07 18.77
N VAL A 19 19.78 -25.44 18.61
CA VAL A 19 19.31 -26.20 17.45
C VAL A 19 19.23 -25.25 16.25
N THR A 20 19.99 -25.54 15.21
CA THR A 20 20.05 -24.70 14.02
C THR A 20 19.58 -25.41 12.74
N MET A 21 19.48 -26.74 12.80
CA MET A 21 18.99 -27.52 11.68
C MET A 21 18.03 -28.60 12.14
N THR A 22 16.98 -28.84 11.36
CA THR A 22 16.03 -29.90 11.67
C THR A 22 16.42 -31.20 10.99
N LYS A 23 15.82 -32.31 11.42
CA LYS A 23 16.05 -33.61 10.79
C LYS A 23 15.65 -33.63 9.31
N TRP A 24 14.77 -32.70 8.92
CA TRP A 24 14.36 -32.57 7.51
C TRP A 24 15.11 -31.45 6.76
N LYS A 25 16.22 -31.00 7.36
CA LYS A 25 17.17 -30.05 6.73
C LYS A 25 16.65 -28.60 6.59
N ALA A 26 15.68 -28.22 7.41
CA ALA A 26 15.22 -26.84 7.46
C ALA A 26 16.07 -26.05 8.46
N PRO A 27 16.38 -24.77 8.16
CA PRO A 27 17.13 -23.97 9.12
C PRO A 27 16.27 -23.50 10.29
N VAL A 28 16.89 -23.41 11.47
CA VAL A 28 16.31 -22.69 12.59
C VAL A 28 17.11 -21.40 12.71
N VAL A 29 16.47 -20.28 12.37
CA VAL A 29 17.15 -18.99 12.25
C VAL A 29 17.38 -18.33 13.60
N TRP A 30 18.65 -18.29 14.01
CA TRP A 30 19.07 -17.62 15.23
C TRP A 30 19.89 -16.38 14.89
N GLU A 31 19.90 -15.41 15.80
CA GLU A 31 20.78 -14.25 15.67
C GLU A 31 22.23 -14.72 15.52
N GLY A 32 22.91 -14.23 14.48
CA GLY A 32 24.30 -14.60 14.23
C GLY A 32 24.47 -15.58 13.08
N THR A 33 23.41 -16.33 12.76
CA THR A 33 23.46 -17.34 11.71
C THR A 33 23.18 -16.80 10.32
N TYR A 34 22.52 -15.65 10.24
CA TYR A 34 22.01 -15.14 8.96
C TYR A 34 22.84 -13.98 8.40
N ASN A 35 22.95 -13.96 7.07
CA ASN A 35 23.61 -12.88 6.34
C ASN A 35 22.54 -12.05 5.66
N ARG A 36 22.04 -11.04 6.35
CA ARG A 36 20.93 -10.22 5.86
C ARG A 36 21.31 -9.39 4.63
N ALA A 37 22.56 -8.90 4.59
CA ALA A 37 23.05 -8.12 3.44
C ALA A 37 22.96 -8.89 2.12
N VAL A 38 23.33 -10.17 2.15
CA VAL A 38 23.25 -11.03 0.98
C VAL A 38 21.80 -11.15 0.51
N LEU A 39 20.90 -11.42 1.47
CA LEU A 39 19.48 -11.62 1.18
C LEU A 39 18.77 -10.34 0.73
N ASP A 40 19.08 -9.22 1.38
CA ASP A 40 18.53 -7.92 0.98
C ASP A 40 18.83 -7.63 -0.50
N ASN A 41 20.06 -7.89 -0.93
CA ASN A 41 20.45 -7.73 -2.34
C ASN A 41 19.72 -8.70 -3.26
N TYR A 42 19.69 -9.97 -2.88
CA TYR A 42 19.00 -10.99 -3.64
C TYR A 42 17.52 -10.66 -3.88
N TYR A 43 16.83 -10.26 -2.81
CA TYR A 43 15.41 -9.99 -2.89
C TYR A 43 15.06 -8.65 -3.54
N ALA A 44 15.93 -7.66 -3.37
CA ALA A 44 15.76 -6.35 -4.01
C ALA A 44 15.82 -6.45 -5.54
N LYS A 45 16.67 -7.35 -6.04
CA LYS A 45 16.82 -7.60 -7.47
C LYS A 45 15.60 -8.36 -8.01
N GLN A 46 14.97 -9.16 -7.16
CA GLN A 46 13.72 -9.85 -7.50
C GLN A 46 12.50 -8.95 -7.36
N LYS A 47 12.68 -7.79 -6.72
CA LYS A 47 11.59 -6.85 -6.45
C LYS A 47 10.41 -7.55 -5.77
N ILE A 48 10.64 -8.04 -4.55
CA ILE A 48 9.59 -8.72 -3.80
C ILE A 48 8.75 -7.74 -2.99
N THR A 49 7.52 -8.16 -2.67
CA THR A 49 6.66 -7.44 -1.72
C THR A 49 6.25 -8.45 -0.66
N VAL A 50 6.26 -8.00 0.59
CA VAL A 50 5.89 -8.87 1.72
C VAL A 50 4.61 -8.32 2.36
N GLY A 51 3.65 -9.22 2.58
CA GLY A 51 2.40 -8.85 3.25
C GLY A 51 2.45 -9.19 4.73
N LEU A 52 1.54 -8.59 5.48
CA LEU A 52 1.42 -8.88 6.91
C LEU A 52 -0.03 -8.68 7.32
N THR A 53 -0.68 -9.78 7.73
CA THR A 53 -2.04 -9.71 8.24
C THR A 53 -2.01 -9.57 9.76
N VAL A 54 -2.92 -8.76 10.27
CA VAL A 54 -3.10 -8.59 11.71
C VAL A 54 -4.57 -8.31 12.02
N PHE A 55 -5.08 -8.98 13.05
CA PHE A 55 -6.46 -8.85 13.48
C PHE A 55 -6.52 -8.10 14.81
N ALA A 56 -7.47 -7.18 14.93
CA ALA A 56 -7.76 -6.56 16.23
C ALA A 56 -9.26 -6.41 16.34
N VAL A 57 -9.85 -7.14 17.29
CA VAL A 57 -11.29 -7.15 17.49
C VAL A 57 -11.58 -6.78 18.95
N GLY A 58 -12.52 -5.86 19.15
CA GLY A 58 -12.87 -5.39 20.48
C GLY A 58 -11.78 -4.54 21.09
N ARG A 59 -11.53 -4.74 22.39
CA ARG A 59 -10.55 -3.98 23.15
C ARG A 59 -9.09 -4.13 22.69
N TYR A 60 -8.81 -5.20 21.94
CA TYR A 60 -7.49 -5.43 21.36
C TYR A 60 -7.07 -4.29 20.44
N ILE A 61 -8.06 -3.60 19.85
CA ILE A 61 -7.78 -2.46 18.98
C ILE A 61 -7.04 -1.35 19.75
N GLU A 62 -7.68 -0.83 20.78
CA GLU A 62 -7.13 0.27 21.57
C GLU A 62 -5.87 -0.14 22.33
N HIS A 63 -5.85 -1.37 22.83
CA HIS A 63 -4.72 -1.89 23.60
C HIS A 63 -3.46 -2.14 22.79
N TYR A 64 -3.59 -2.73 21.60
CA TYR A 64 -2.42 -3.30 20.91
C TYR A 64 -2.15 -2.85 19.48
N LEU A 65 -3.20 -2.45 18.75
CA LEU A 65 -3.06 -2.23 17.30
C LEU A 65 -2.07 -1.12 16.90
N GLU A 66 -2.17 0.03 17.55
N GLU A 66 -2.16 0.03 17.56
CA GLU A 66 -1.26 1.15 17.27
CA GLU A 66 -1.26 1.16 17.26
C GLU A 66 0.19 0.75 17.51
C GLU A 66 0.20 0.80 17.55
N GLU A 67 0.44 0.12 18.67
CA GLU A 67 1.78 -0.28 19.07
C GLU A 67 2.36 -1.35 18.15
N PHE A 68 1.50 -2.26 17.69
CA PHE A 68 1.90 -3.27 16.72
C PHE A 68 2.35 -2.63 15.41
N LEU A 69 1.48 -1.77 14.86
CA LEU A 69 1.71 -1.14 13.55
C LEU A 69 2.88 -0.16 13.54
N THR A 70 2.99 0.65 14.59
CA THR A 70 4.10 1.60 14.73
C THR A 70 5.44 0.84 14.71
N SER A 71 5.50 -0.27 15.45
CA SER A 71 6.71 -1.08 15.53
C SER A 71 6.97 -1.86 14.22
N ALA A 72 5.91 -2.34 13.58
CA ALA A 72 6.03 -3.05 12.29
C ALA A 72 6.55 -2.11 11.20
N ASN A 73 6.04 -0.89 11.18
CA ASN A 73 6.51 0.16 10.29
C ASN A 73 8.03 0.34 10.39
N LYS A 74 8.53 0.38 11.62
CA LYS A 74 9.93 0.60 11.92
C LYS A 74 10.84 -0.59 11.61
N HIS A 75 10.35 -1.81 11.83
CA HIS A 75 11.21 -2.99 11.90
C HIS A 75 10.99 -4.12 10.87
N PHE A 76 9.80 -4.20 10.30
CA PHE A 76 9.42 -5.32 9.44
C PHE A 76 9.84 -5.15 7.97
N MET A 77 10.79 -5.98 7.53
CA MET A 77 11.25 -6.02 6.13
C MET A 77 11.71 -4.66 5.59
N VAL A 78 12.50 -3.96 6.40
CA VAL A 78 12.97 -2.62 6.03
C VAL A 78 13.80 -2.71 4.74
N GLY A 79 13.55 -1.78 3.82
CA GLY A 79 14.24 -1.77 2.52
C GLY A 79 13.47 -2.49 1.42
N HIS A 80 12.31 -3.05 1.78
CA HIS A 80 11.45 -3.75 0.82
C HIS A 80 10.01 -3.29 0.94
N PRO A 81 9.25 -3.28 -0.19
CA PRO A 81 7.84 -2.92 -0.14
C PRO A 81 7.05 -3.85 0.78
N VAL A 82 6.21 -3.26 1.63
CA VAL A 82 5.42 -4.01 2.59
C VAL A 82 3.97 -3.52 2.55
N ILE A 83 3.03 -4.47 2.64
CA ILE A 83 1.60 -4.12 2.77
C ILE A 83 1.06 -4.70 4.06
N PHE A 84 0.54 -3.82 4.92
CA PHE A 84 -0.15 -4.27 6.13
C PHE A 84 -1.63 -4.46 5.84
N TYR A 85 -2.13 -5.66 6.15
CA TYR A 85 -3.55 -5.96 6.01
C TYR A 85 -4.18 -5.99 7.39
N ILE A 86 -5.04 -5.02 7.67
CA ILE A 86 -5.61 -4.85 9.00
C ILE A 86 -7.09 -5.23 9.00
N MET A 87 -7.41 -6.23 9.83
CA MET A 87 -8.80 -6.70 9.99
C MET A 87 -9.31 -6.30 11.37
N VAL A 88 -10.34 -5.46 11.39
CA VAL A 88 -10.95 -4.96 12.62
C VAL A 88 -12.47 -5.04 12.54
N ASP A 89 -13.14 -5.10 13.70
CA ASP A 89 -14.60 -5.11 13.74
C ASP A 89 -15.20 -3.71 13.70
N ASP A 90 -14.39 -2.71 14.04
CA ASP A 90 -14.81 -1.32 14.00
C ASP A 90 -13.70 -0.46 13.40
N VAL A 91 -13.92 -0.07 12.15
CA VAL A 91 -12.94 0.71 11.38
C VAL A 91 -12.80 2.14 11.89
N SER A 92 -13.84 2.65 12.56
CA SER A 92 -13.80 3.99 13.17
C SER A 92 -12.83 4.07 14.34
N ARG A 93 -12.37 2.91 14.82
CA ARG A 93 -11.44 2.82 15.95
C ARG A 93 -10.00 2.54 15.51
N MET A 94 -9.83 2.33 14.20
CA MET A 94 -8.52 2.11 13.59
C MET A 94 -7.59 3.31 13.80
N PRO A 95 -6.45 3.11 14.48
CA PRO A 95 -5.45 4.18 14.60
C PRO A 95 -4.70 4.35 13.29
N LEU A 96 -4.85 5.52 12.66
CA LEU A 96 -4.25 5.77 11.36
C LEU A 96 -2.88 6.44 11.49
N ILE A 97 -1.90 5.64 11.93
CA ILE A 97 -0.52 6.09 12.12
C ILE A 97 0.14 6.50 10.79
N GLU A 98 1.21 7.28 10.89
CA GLU A 98 2.02 7.62 9.73
C GLU A 98 2.94 6.46 9.38
N LEU A 99 2.98 6.10 8.10
CA LEU A 99 3.86 5.05 7.62
C LEU A 99 5.09 5.63 6.94
N GLY A 100 6.19 4.87 6.97
CA GLY A 100 7.44 5.29 6.38
C GLY A 100 7.62 4.77 4.96
N PRO A 101 8.80 5.02 4.36
CA PRO A 101 9.07 4.59 2.99
C PRO A 101 8.88 3.08 2.81
N LEU A 102 8.24 2.70 1.69
CA LEU A 102 8.00 1.30 1.32
C LEU A 102 6.98 0.56 2.19
N ARG A 103 6.23 1.33 2.98
CA ARG A 103 5.10 0.80 3.74
C ARG A 103 3.81 1.37 3.19
N SER A 104 2.78 0.53 3.09
CA SER A 104 1.41 0.96 2.85
C SER A 104 0.48 -0.02 3.51
N PHE A 105 -0.82 0.26 3.49
CA PHE A 105 -1.78 -0.63 4.11
C PHE A 105 -3.18 -0.55 3.52
N LYS A 106 -4.01 -1.51 3.91
CA LYS A 106 -5.46 -1.39 3.75
C LYS A 106 -6.19 -2.09 4.90
N VAL A 107 -7.37 -1.55 5.22
CA VAL A 107 -8.18 -2.02 6.33
C VAL A 107 -9.46 -2.69 5.86
N PHE A 108 -9.84 -3.77 6.55
CA PHE A 108 -11.08 -4.47 6.28
C PHE A 108 -11.94 -4.57 7.54
N LYS A 109 -13.24 -4.33 7.37
CA LYS A 109 -14.20 -4.54 8.46
C LYS A 109 -14.61 -6.01 8.50
N ILE A 110 -14.43 -6.64 9.65
CA ILE A 110 -14.88 -8.03 9.85
C ILE A 110 -15.94 -8.13 10.95
N LYS A 111 -16.73 -9.19 10.89
CA LYS A 111 -17.71 -9.51 11.91
C LYS A 111 -17.00 -9.93 13.21
N PRO A 112 -17.41 -9.36 14.35
CA PRO A 112 -16.86 -9.84 15.62
C PRO A 112 -17.55 -11.15 16.05
N GLU A 113 -16.75 -12.19 16.26
CA GLU A 113 -17.28 -13.44 16.80
C GLU A 113 -17.57 -13.24 18.30
N LYS A 114 -18.56 -13.95 18.81
CA LYS A 114 -19.02 -13.80 20.19
C LYS A 114 -17.98 -14.24 21.23
N ARG A 115 -17.33 -15.37 20.97
CA ARG A 115 -16.30 -15.90 21.86
C ARG A 115 -14.92 -15.50 21.38
N TRP A 116 -14.04 -15.09 22.30
CA TRP A 116 -12.66 -14.76 21.96
C TRP A 116 -11.94 -15.94 21.31
N GLN A 117 -12.30 -17.17 21.70
CA GLN A 117 -11.76 -18.39 21.11
C GLN A 117 -12.08 -18.47 19.62
N ASP A 118 -13.31 -18.08 19.26
CA ASP A 118 -13.73 -18.07 17.87
C ASP A 118 -13.13 -16.91 17.07
N ILE A 119 -12.92 -15.78 17.72
CA ILE A 119 -12.21 -14.64 17.12
C ILE A 119 -10.81 -15.09 16.70
N SER A 120 -10.11 -15.75 17.61
CA SER A 120 -8.78 -16.28 17.35
C SER A 120 -8.81 -17.31 16.21
N MET A 121 -9.77 -18.23 16.27
CA MET A 121 -9.82 -19.36 15.32
C MET A 121 -10.32 -18.98 13.93
N MET A 122 -11.28 -18.05 13.87
CA MET A 122 -11.86 -17.60 12.60
C MET A 122 -10.85 -16.91 11.69
N ARG A 123 -9.78 -16.38 12.28
CA ARG A 123 -8.66 -15.79 11.53
C ARG A 123 -8.20 -16.72 10.41
N MET A 124 -8.22 -18.03 10.68
CA MET A 124 -7.81 -19.03 9.69
C MET A 124 -8.69 -18.98 8.44
N LYS A 125 -10.00 -18.89 8.63
CA LYS A 125 -10.95 -18.74 7.51
C LYS A 125 -10.73 -17.44 6.76
N THR A 126 -10.69 -16.34 7.50
CA THR A 126 -10.60 -14.99 6.92
C THR A 126 -9.30 -14.76 6.12
N ILE A 127 -8.17 -15.22 6.66
CA ILE A 127 -6.89 -15.11 5.96
C ILE A 127 -6.95 -15.81 4.61
N GLY A 128 -7.47 -17.04 4.59
CA GLY A 128 -7.62 -17.81 3.35
C GLY A 128 -8.44 -17.10 2.29
N GLU A 129 -9.57 -16.54 2.70
CA GLU A 129 -10.44 -15.78 1.80
C GLU A 129 -9.70 -14.59 1.17
N HIS A 130 -8.94 -13.87 1.98
CA HIS A 130 -8.18 -12.72 1.51
C HIS A 130 -7.02 -13.10 0.58
N ILE A 131 -6.40 -14.25 0.84
CA ILE A 131 -5.33 -14.76 -0.04
C ILE A 131 -5.87 -14.98 -1.44
N VAL A 132 -7.00 -15.69 -1.54
CA VAL A 132 -7.63 -15.95 -2.84
C VAL A 132 -8.11 -14.65 -3.49
N ALA A 133 -8.81 -13.83 -2.71
CA ALA A 133 -9.36 -12.56 -3.20
C ALA A 133 -8.29 -11.59 -3.73
N HIS A 134 -7.23 -11.37 -2.95
CA HIS A 134 -6.25 -10.35 -3.34
C HIS A 134 -4.78 -10.63 -3.00
N ILE A 135 -4.49 -11.15 -1.82
CA ILE A 135 -3.12 -11.25 -1.33
C ILE A 135 -2.18 -12.04 -2.26
N GLN A 136 -2.69 -13.09 -2.89
CA GLN A 136 -1.91 -13.90 -3.85
C GLN A 136 -1.41 -13.09 -5.05
N HIS A 137 -2.09 -11.97 -5.33
CA HIS A 137 -1.75 -11.11 -6.46
C HIS A 137 -0.84 -9.94 -6.07
N GLU A 138 -0.65 -9.75 -4.77
CA GLU A 138 -0.03 -8.54 -4.24
C GLU A 138 1.35 -8.76 -3.64
N VAL A 139 1.61 -9.96 -3.13
CA VAL A 139 2.85 -10.24 -2.40
C VAL A 139 3.49 -11.57 -2.80
N ASP A 140 4.79 -11.68 -2.56
CA ASP A 140 5.54 -12.92 -2.78
C ASP A 140 5.57 -13.77 -1.52
N PHE A 141 5.56 -13.11 -0.37
CA PHE A 141 5.53 -13.78 0.93
C PHE A 141 4.55 -13.06 1.85
N LEU A 142 3.97 -13.81 2.78
CA LEU A 142 3.02 -13.27 3.73
C LEU A 142 3.31 -13.79 5.14
N PHE A 143 3.31 -12.89 6.12
CA PHE A 143 3.29 -13.30 7.52
C PHE A 143 1.93 -13.01 8.14
N CYS A 144 1.48 -13.92 8.99
CA CYS A 144 0.23 -13.78 9.74
C CYS A 144 0.55 -13.72 11.23
N MET A 145 0.18 -12.62 11.88
CA MET A 145 0.62 -12.35 13.25
C MET A 145 -0.50 -11.97 14.22
N ASP A 146 -0.31 -12.34 15.49
CA ASP A 146 -1.08 -11.80 16.61
C ASP A 146 -0.81 -10.30 16.73
N VAL A 147 -1.76 -9.58 17.31
CA VAL A 147 -1.63 -8.14 17.54
C VAL A 147 -0.95 -7.84 18.89
N ASP A 148 -1.06 -8.76 19.85
CA ASP A 148 -0.62 -8.52 21.23
C ASP A 148 0.89 -8.75 21.42
N GLN A 149 1.66 -8.06 20.59
CA GLN A 149 3.11 -8.17 20.57
C GLN A 149 3.68 -6.95 19.86
N VAL A 150 4.97 -6.69 20.06
CA VAL A 150 5.62 -5.48 19.56
C VAL A 150 6.98 -5.84 18.95
N PHE A 151 7.25 -5.36 17.74
CA PHE A 151 8.57 -5.48 17.10
C PHE A 151 9.60 -4.66 17.89
N GLN A 152 10.76 -5.26 18.14
CA GLN A 152 11.80 -4.61 18.96
C GLN A 152 13.09 -4.32 18.18
N ASP A 153 13.31 -5.07 17.11
CA ASP A 153 14.48 -4.89 16.27
C ASP A 153 14.18 -5.48 14.88
N LYS A 154 15.16 -5.39 13.99
CA LYS A 154 14.98 -5.80 12.59
C LYS A 154 14.45 -7.23 12.45
N PHE A 155 13.34 -7.33 11.72
CA PHE A 155 12.64 -8.56 11.45
C PHE A 155 12.57 -8.61 9.93
N GLY A 156 13.63 -9.16 9.32
CA GLY A 156 13.86 -8.98 7.89
C GLY A 156 13.78 -10.22 7.03
N VAL A 157 14.39 -10.12 5.85
CA VAL A 157 14.26 -11.12 4.78
C VAL A 157 14.85 -12.49 5.13
N GLU A 158 15.62 -12.56 6.21
CA GLU A 158 16.13 -13.83 6.71
C GLU A 158 15.01 -14.74 7.23
N THR A 159 13.81 -14.17 7.42
CA THR A 159 12.67 -14.92 7.94
C THR A 159 11.77 -15.48 6.83
N LEU A 160 12.03 -15.09 5.59
CA LEU A 160 11.18 -15.51 4.46
C LEU A 160 11.48 -16.93 4.01
N GLY A 161 10.44 -17.63 3.56
CA GLY A 161 10.57 -19.00 3.06
C GLY A 161 9.23 -19.51 2.55
N GLU A 162 9.24 -20.73 2.01
CA GLU A 162 8.02 -21.36 1.50
C GLU A 162 6.95 -21.48 2.58
N SER A 163 7.33 -22.07 3.72
CA SER A 163 6.46 -22.11 4.89
C SER A 163 7.28 -21.88 6.16
N VAL A 164 6.86 -20.91 6.97
CA VAL A 164 7.65 -20.45 8.11
C VAL A 164 6.90 -20.62 9.44
N ALA A 165 7.58 -21.25 10.40
CA ALA A 165 7.01 -21.50 11.71
C ALA A 165 7.82 -20.78 12.79
N GLN A 166 7.19 -20.56 13.94
CA GLN A 166 7.81 -19.86 15.06
C GLN A 166 7.93 -20.78 16.28
N LEU A 167 9.12 -20.84 16.87
CA LEU A 167 9.30 -21.57 18.13
C LEU A 167 8.71 -20.80 19.30
N GLN A 168 7.80 -21.44 20.03
CA GLN A 168 7.17 -20.82 21.18
C GLN A 168 8.22 -20.66 22.29
N ALA A 169 8.34 -19.44 22.81
CA ALA A 169 9.41 -19.04 23.73
C ALA A 169 9.56 -19.90 24.99
N TRP A 170 8.44 -20.34 25.54
CA TRP A 170 8.43 -21.12 26.78
C TRP A 170 8.81 -22.60 26.60
N TRP A 171 8.65 -23.12 25.39
CA TRP A 171 8.76 -24.58 25.17
C TRP A 171 9.93 -25.05 24.32
N TYR A 172 10.76 -24.13 23.83
CA TYR A 172 11.79 -24.47 22.83
C TYR A 172 12.85 -25.48 23.30
N LYS A 173 13.10 -25.52 24.61
CA LYS A 173 14.08 -26.45 25.20
C LYS A 173 13.40 -27.71 25.73
N ALA A 174 12.08 -27.75 25.67
CA ALA A 174 11.31 -28.83 26.28
C ALA A 174 11.32 -30.11 25.44
N ASP A 175 11.13 -31.24 26.12
CA ASP A 175 10.93 -32.51 25.46
C ASP A 175 9.52 -32.52 24.86
N PRO A 176 9.39 -32.94 23.59
CA PRO A 176 8.09 -32.96 22.90
C PRO A 176 6.91 -33.53 23.69
N ASN A 177 7.18 -34.53 24.53
CA ASN A 177 6.12 -35.18 25.30
C ASN A 177 5.67 -34.36 26.52
N ASP A 178 6.31 -33.21 26.71
CA ASP A 178 5.85 -32.19 27.64
C ASP A 178 5.10 -31.04 26.93
N PHE A 179 5.12 -31.04 25.59
CA PHE A 179 4.41 -30.01 24.80
C PHE A 179 2.91 -30.02 25.08
N THR A 180 2.30 -28.85 25.05
CA THR A 180 0.85 -28.75 25.25
C THR A 180 0.09 -28.93 23.93
N TYR A 181 0.47 -29.97 23.18
CA TYR A 181 -0.31 -30.42 22.03
C TYR A 181 -1.69 -30.85 22.53
N GLU A 182 -2.67 -30.82 21.64
CA GLU A 182 -3.96 -31.47 21.90
C GLU A 182 -3.73 -32.98 21.98
N ARG A 183 -4.14 -33.59 23.10
CA ARG A 183 -3.84 -34.99 23.39
C ARG A 183 -5.07 -35.91 23.34
N ARG A 184 -6.24 -35.35 23.05
CA ARG A 184 -7.46 -36.15 22.90
C ARG A 184 -7.64 -36.58 21.45
N LYS A 185 -7.74 -37.89 21.22
CA LYS A 185 -7.83 -38.45 19.88
C LYS A 185 -9.10 -38.05 19.11
N GLU A 186 -10.10 -37.54 19.83
CA GLU A 186 -11.34 -37.08 19.23
C GLU A 186 -11.18 -35.76 18.47
N SER A 187 -10.09 -35.04 18.74
CA SER A 187 -9.81 -33.79 18.06
C SER A 187 -8.98 -34.01 16.80
N ALA A 188 -9.28 -33.20 15.77
CA ALA A 188 -8.50 -33.17 14.54
C ALA A 188 -7.05 -32.74 14.75
N ALA A 189 -6.80 -32.03 15.86
CA ALA A 189 -5.47 -31.51 16.20
C ALA A 189 -4.62 -32.49 17.04
N TYR A 190 -5.15 -33.68 17.27
CA TYR A 190 -4.51 -34.70 18.09
C TYR A 190 -3.08 -35.04 17.66
N ILE A 191 -2.16 -34.97 18.62
CA ILE A 191 -0.81 -35.48 18.44
C ILE A 191 -0.50 -36.44 19.59
N PRO A 192 -0.22 -37.73 19.26
CA PRO A 192 0.08 -38.75 20.26
C PRO A 192 1.38 -38.45 20.99
N PHE A 193 1.49 -38.93 22.23
CA PHE A 193 2.78 -38.96 22.91
C PHE A 193 3.72 -39.84 22.07
N GLY A 194 4.99 -39.47 22.03
CA GLY A 194 5.96 -40.14 21.16
C GLY A 194 6.09 -39.50 19.78
N GLU A 195 5.26 -38.49 19.53
CA GLU A 195 5.28 -37.76 18.27
C GLU A 195 5.46 -36.26 18.49
N GLY A 196 6.02 -35.57 17.49
CA GLY A 196 6.22 -34.12 17.56
C GLY A 196 7.67 -33.72 17.43
N ASP A 197 7.92 -32.62 16.73
CA ASP A 197 9.27 -32.09 16.55
C ASP A 197 9.53 -30.89 17.45
N PHE A 198 8.62 -29.91 17.37
CA PHE A 198 8.72 -28.65 18.11
C PHE A 198 7.32 -28.20 18.52
N TYR A 199 7.25 -27.28 19.47
CA TYR A 199 6.00 -26.60 19.75
C TYR A 199 6.00 -25.22 19.11
N TYR A 200 5.15 -25.06 18.11
CA TYR A 200 5.11 -23.85 17.30
C TYR A 200 4.11 -22.84 17.86
N HIS A 201 4.47 -21.56 17.77
CA HIS A 201 3.63 -20.48 18.28
C HIS A 201 2.71 -19.96 17.19
N ALA A 202 1.41 -19.86 17.50
CA ALA A 202 0.42 -19.40 16.51
C ALA A 202 0.46 -17.89 16.32
N ALA A 203 1.23 -17.20 17.16
CA ALA A 203 1.37 -15.74 17.09
C ALA A 203 2.10 -15.25 15.84
N ILE A 204 2.91 -16.13 15.25
CA ILE A 204 3.61 -15.82 13.99
C ILE A 204 3.68 -17.09 13.14
N PHE A 205 3.13 -17.02 11.94
CA PHE A 205 3.43 -18.00 10.89
C PHE A 205 3.40 -17.31 9.54
N GLY A 206 4.09 -17.89 8.56
CA GLY A 206 4.16 -17.27 7.25
C GLY A 206 4.56 -18.21 6.12
N GLY A 207 4.79 -17.62 4.96
CA GLY A 207 5.20 -18.36 3.78
C GLY A 207 4.76 -17.67 2.51
N THR A 208 4.81 -18.39 1.39
CA THR A 208 4.22 -17.93 0.15
C THR A 208 2.69 -17.93 0.31
N PRO A 209 1.97 -17.06 -0.42
CA PRO A 209 0.51 -17.09 -0.38
C PRO A 209 -0.09 -18.49 -0.60
N THR A 210 0.51 -19.27 -1.50
CA THR A 210 0.10 -20.67 -1.75
C THR A 210 0.18 -21.54 -0.49
N GLN A 211 1.33 -21.50 0.19
CA GLN A 211 1.53 -22.30 1.40
C GLN A 211 0.67 -21.81 2.56
N VAL A 212 0.58 -20.50 2.74
CA VAL A 212 -0.24 -19.92 3.82
C VAL A 212 -1.71 -20.27 3.62
N LEU A 213 -2.15 -20.27 2.35
CA LEU A 213 -3.51 -20.71 2.02
C LEU A 213 -3.76 -22.15 2.49
N ASN A 214 -2.83 -23.05 2.18
CA ASN A 214 -2.94 -24.44 2.64
C ASN A 214 -2.92 -24.56 4.16
N ILE A 215 -2.01 -23.81 4.80
CA ILE A 215 -1.94 -23.78 6.27
C ILE A 215 -3.29 -23.42 6.87
N THR A 216 -3.85 -22.29 6.42
CA THR A 216 -5.08 -21.75 6.98
C THR A 216 -6.31 -22.61 6.62
N GLN A 217 -6.35 -23.12 5.40
CA GLN A 217 -7.44 -23.97 4.95
C GLN A 217 -7.51 -25.27 5.76
N GLU A 218 -6.36 -25.92 5.93
CA GLU A 218 -6.30 -27.17 6.68
C GLU A 218 -6.58 -26.98 8.17
N CYS A 219 -6.00 -25.94 8.76
CA CYS A 219 -6.32 -25.59 10.15
C CYS A 219 -7.80 -25.32 10.36
N PHE A 220 -8.41 -24.54 9.47
CA PHE A 220 -9.84 -24.23 9.61
C PHE A 220 -10.74 -25.45 9.38
N LYS A 221 -10.32 -26.36 8.50
CA LYS A 221 -11.02 -27.63 8.30
C LYS A 221 -11.01 -28.45 9.59
N GLY A 222 -9.87 -28.43 10.28
CA GLY A 222 -9.74 -29.09 11.59
C GLY A 222 -10.63 -28.45 12.64
N ILE A 223 -10.70 -27.12 12.62
CA ILE A 223 -11.54 -26.35 13.54
C ILE A 223 -13.04 -26.66 13.36
N LEU A 224 -13.48 -26.71 12.10
CA LEU A 224 -14.87 -27.04 11.77
C LEU A 224 -15.24 -28.49 12.10
N LYS A 225 -14.31 -29.41 11.85
CA LYS A 225 -14.51 -30.83 12.15
C LYS A 225 -14.70 -31.05 13.65
N ASP A 226 -13.86 -30.39 14.44
CA ASP A 226 -13.98 -30.43 15.89
C ASP A 226 -15.33 -29.92 16.38
N LYS A 227 -15.82 -28.83 15.79
CA LYS A 227 -17.15 -28.31 16.11
C LYS A 227 -18.27 -29.34 15.85
N LYS A 228 -18.14 -30.11 14.77
CA LYS A 228 -19.11 -31.17 14.46
C LYS A 228 -19.02 -32.34 15.44
N ASN A 229 -17.86 -32.50 16.07
CA ASN A 229 -17.63 -33.57 17.04
C ASN A 229 -17.72 -33.10 18.50
N ASP A 230 -18.26 -31.90 18.72
CA ASP A 230 -18.48 -31.33 20.05
C ASP A 230 -17.20 -31.29 20.89
N ILE A 231 -16.12 -30.83 20.29
CA ILE A 231 -14.83 -30.71 20.96
C ILE A 231 -14.12 -29.44 20.49
N GLU A 232 -13.35 -28.83 21.39
CA GLU A 232 -12.55 -27.66 21.07
C GLU A 232 -11.13 -27.89 21.56
N ALA A 233 -10.17 -27.80 20.64
CA ALA A 233 -8.75 -28.04 20.95
C ALA A 233 -8.26 -27.13 22.08
N GLN A 234 -7.39 -27.67 22.93
CA GLN A 234 -6.95 -26.99 24.15
C GLN A 234 -6.41 -25.58 23.90
N TRP A 235 -5.56 -25.46 22.88
CA TRP A 235 -5.02 -24.15 22.50
C TRP A 235 -5.52 -23.68 21.13
N HIS A 236 -6.74 -24.11 20.79
CA HIS A 236 -7.51 -23.57 19.68
C HIS A 236 -6.74 -23.61 18.35
N ASP A 237 -6.61 -22.48 17.66
CA ASP A 237 -5.91 -22.46 16.37
C ASP A 237 -4.45 -22.91 16.44
N GLU A 238 -3.81 -22.66 17.58
CA GLU A 238 -2.43 -23.09 17.81
C GLU A 238 -2.27 -24.61 17.84
N SER A 239 -3.26 -25.30 18.42
CA SER A 239 -3.25 -26.76 18.45
C SER A 239 -3.31 -27.31 17.04
N HIS A 240 -4.19 -26.74 16.22
CA HIS A 240 -4.34 -27.14 14.82
C HIS A 240 -3.10 -26.78 13.99
N LEU A 241 -2.51 -25.62 14.26
CA LEU A 241 -1.29 -25.21 13.57
C LEU A 241 -0.15 -26.18 13.83
N ASN A 242 -0.05 -26.64 15.07
CA ASN A 242 0.95 -27.62 15.44
C ASN A 242 0.75 -28.98 14.78
N LYS A 243 -0.50 -29.39 14.64
CA LYS A 243 -0.85 -30.61 13.89
C LYS A 243 -0.48 -30.47 12.41
N TYR A 244 -0.76 -29.30 11.83
CA TYR A 244 -0.41 -29.03 10.45
C TYR A 244 1.10 -29.16 10.22
N PHE A 245 1.88 -28.45 11.03
CA PHE A 245 3.34 -28.43 10.87
C PHE A 245 4.02 -29.77 11.20
N LEU A 246 3.33 -30.64 11.94
CA LEU A 246 3.80 -32.02 12.12
C LEU A 246 3.72 -32.80 10.81
N LEU A 247 2.57 -32.67 10.12
CA LEU A 247 2.32 -33.38 8.88
C LEU A 247 3.06 -32.75 7.70
N ASN A 248 3.06 -31.42 7.66
CA ASN A 248 3.69 -30.66 6.57
C ASN A 248 4.79 -29.80 7.15
N LYS A 249 5.99 -30.37 7.22
CA LYS A 249 7.13 -29.73 7.89
C LYS A 249 7.40 -28.34 7.33
N PRO A 250 7.64 -27.37 8.22
CA PRO A 250 7.99 -26.03 7.76
C PRO A 250 9.37 -26.01 7.10
N THR A 251 9.53 -25.22 6.05
CA THR A 251 10.80 -25.12 5.34
C THR A 251 11.77 -24.20 6.07
N LYS A 252 11.26 -23.47 7.07
CA LYS A 252 12.06 -22.57 7.90
C LYS A 252 11.41 -22.38 9.27
N ILE A 253 12.23 -22.39 10.30
CA ILE A 253 11.77 -22.07 11.65
C ILE A 253 12.50 -20.85 12.19
N LEU A 254 11.79 -20.01 12.94
CA LEU A 254 12.38 -18.86 13.59
C LEU A 254 12.64 -19.17 15.06
N SER A 255 13.78 -18.73 15.56
CA SER A 255 14.14 -18.91 16.96
C SER A 255 13.22 -18.07 17.87
N PRO A 256 13.18 -18.38 19.17
CA PRO A 256 12.42 -17.58 20.14
C PRO A 256 12.84 -16.10 20.17
N GLU A 257 13.99 -15.76 19.57
CA GLU A 257 14.42 -14.37 19.46
C GLU A 257 13.44 -13.53 18.65
N TYR A 258 12.72 -14.19 17.73
CA TYR A 258 11.73 -13.55 16.86
C TYR A 258 10.34 -13.41 17.49
N CYS A 259 10.17 -13.95 18.69
CA CYS A 259 8.91 -13.84 19.45
C CYS A 259 9.16 -14.19 20.90
N TRP A 260 9.75 -13.24 21.65
CA TRP A 260 10.21 -13.51 23.00
C TRP A 260 9.29 -12.97 24.08
N ASP A 261 9.08 -13.77 25.12
CA ASP A 261 8.36 -13.32 26.31
C ASP A 261 9.36 -12.91 27.40
N TYR A 262 9.43 -11.61 27.66
CA TYR A 262 10.33 -11.07 28.69
C TYR A 262 9.99 -11.52 30.13
N HIS A 263 8.80 -12.09 30.31
CA HIS A 263 8.42 -12.68 31.59
C HIS A 263 9.32 -13.85 31.97
N ILE A 264 9.91 -14.50 30.97
CA ILE A 264 10.91 -15.56 31.17
C ILE A 264 12.22 -14.95 31.71
N GLY A 265 12.41 -13.66 31.46
CA GLY A 265 13.69 -13.00 31.68
C GLY A 265 14.43 -12.93 30.36
N LEU A 266 15.75 -12.83 30.43
CA LEU A 266 16.58 -12.81 29.23
C LEU A 266 17.81 -13.70 29.41
N PRO A 267 17.72 -14.98 28.99
CA PRO A 267 18.83 -15.92 29.17
C PRO A 267 19.88 -15.78 28.06
N ALA A 268 20.97 -16.55 28.17
CA ALA A 268 22.10 -16.48 27.26
C ALA A 268 21.78 -16.77 25.79
N ASP A 269 20.84 -17.67 25.56
CA ASP A 269 20.40 -18.07 24.21
C ASP A 269 19.78 -16.95 23.37
N ILE A 270 19.15 -16.00 24.05
CA ILE A 270 18.40 -14.94 23.38
C ILE A 270 19.28 -13.70 23.19
N LYS A 271 19.92 -13.61 22.02
CA LYS A 271 20.99 -12.63 21.78
C LYS A 271 20.49 -11.25 21.37
N LEU A 272 19.42 -11.20 20.59
CA LEU A 272 18.82 -9.95 20.13
C LEU A 272 17.35 -10.18 19.84
N VAL A 273 16.49 -9.59 20.67
CA VAL A 273 15.04 -9.76 20.54
C VAL A 273 14.50 -8.93 19.37
N LYS A 274 13.78 -9.59 18.47
CA LYS A 274 13.18 -8.94 17.32
C LYS A 274 11.70 -8.58 17.58
N MET A 275 11.08 -9.34 18.48
CA MET A 275 9.67 -9.17 18.80
C MET A 275 9.41 -9.66 20.23
N SER A 276 8.63 -8.88 21.00
CA SER A 276 8.27 -9.27 22.37
C SER A 276 6.75 -9.37 22.56
N TRP A 277 6.33 -10.33 23.38
CA TRP A 277 4.94 -10.47 23.79
C TRP A 277 4.52 -9.26 24.63
N GLN A 278 3.28 -8.79 24.44
CA GLN A 278 2.65 -7.90 25.40
C GLN A 278 2.22 -8.75 26.60
N THR A 279 2.24 -8.15 27.79
CA THR A 279 1.76 -8.80 29.00
C THR A 279 0.27 -9.12 28.82
N LYS A 280 -0.16 -10.29 29.27
CA LYS A 280 -1.56 -10.69 29.13
C LYS A 280 -2.45 -9.82 30.01
N GLU A 281 -3.56 -9.36 29.43
CA GLU A 281 -4.54 -8.54 30.15
C GLU A 281 -5.95 -9.09 29.92
N TYR A 282 -6.09 -10.40 30.04
CA TYR A 282 -7.33 -11.11 29.72
C TYR A 282 -8.57 -10.55 30.42
N ASN A 283 -8.41 -10.17 31.69
CA ASN A 283 -9.51 -9.62 32.49
C ASN A 283 -10.11 -8.36 31.85
N VAL A 284 -9.28 -7.58 31.17
CA VAL A 284 -9.72 -6.36 30.50
C VAL A 284 -10.09 -6.57 29.02
N VAL A 285 -9.24 -7.27 28.27
CA VAL A 285 -9.39 -7.34 26.80
C VAL A 285 -10.37 -8.43 26.31
N ARG A 286 -10.68 -9.40 27.15
CA ARG A 286 -11.61 -10.48 26.79
C ARG A 286 -12.94 -10.38 27.55
N ASN A 287 -14.02 -10.86 26.91
CA ASN A 287 -15.38 -10.75 27.45
C ASN A 287 -16.04 -12.05 27.89
N ASN A 288 -15.37 -13.18 27.69
CA ASN A 288 -15.90 -14.47 28.11
C ASN A 288 -14.78 -15.40 28.58
N VAL A 289 -15.14 -16.39 29.40
CA VAL A 289 -14.18 -17.35 29.93
C VAL A 289 -13.68 -18.29 28.85
N LYS B 3 11.94 -2.71 -26.57
CA LYS B 3 11.67 -1.30 -26.15
C LYS B 3 10.33 -0.79 -26.72
N LEU B 4 9.52 -0.17 -25.87
CA LEU B 4 8.21 0.34 -26.27
C LEU B 4 8.30 1.55 -27.20
N LYS B 5 7.74 1.38 -28.41
CA LYS B 5 7.67 2.46 -29.38
C LYS B 5 6.23 2.95 -29.49
N LEU B 6 6.06 4.24 -29.80
CA LEU B 6 4.75 4.88 -29.89
C LEU B 6 3.75 4.12 -30.76
N SER B 7 4.19 3.65 -31.93
CA SER B 7 3.34 2.93 -32.88
C SER B 7 2.85 1.59 -32.34
N ASP B 8 3.53 1.05 -31.33
CA ASP B 8 3.13 -0.21 -30.69
C ASP B 8 1.74 -0.13 -30.04
N TRP B 9 1.38 1.06 -29.55
CA TRP B 9 0.16 1.23 -28.75
C TRP B 9 -0.74 2.40 -29.18
N PHE B 10 -0.19 3.33 -29.96
CA PHE B 10 -0.88 4.58 -30.30
C PHE B 10 -1.17 4.71 -31.79
N ASN B 11 -2.46 4.82 -32.12
CA ASN B 11 -2.90 4.98 -33.50
C ASN B 11 -3.72 6.25 -33.64
N PRO B 12 -3.08 7.35 -34.09
CA PRO B 12 -3.77 8.64 -34.19
C PRO B 12 -4.90 8.63 -35.22
N PHE B 13 -4.76 7.80 -36.26
CA PHE B 13 -5.74 7.74 -37.35
C PHE B 13 -7.14 7.28 -36.91
N LYS B 14 -7.23 6.68 -35.73
CA LYS B 14 -8.53 6.30 -35.16
C LYS B 14 -9.37 7.52 -34.73
N ARG B 15 -8.72 8.66 -34.52
CA ARG B 15 -9.42 9.89 -34.17
C ARG B 15 -8.93 11.06 -35.05
N PRO B 16 -9.35 11.06 -36.34
CA PRO B 16 -8.82 12.02 -37.32
C PRO B 16 -9.32 13.46 -37.16
N GLU B 17 -10.39 13.65 -36.40
CA GLU B 17 -11.02 14.97 -36.28
C GLU B 17 -10.58 15.76 -35.04
N VAL B 18 -9.59 15.24 -34.32
CA VAL B 18 -9.04 15.91 -33.14
C VAL B 18 -7.50 15.99 -33.23
N VAL B 19 -6.90 16.80 -32.37
CA VAL B 19 -5.44 16.88 -32.28
C VAL B 19 -4.93 15.63 -31.55
N THR B 20 -4.06 14.87 -32.23
CA THR B 20 -3.54 13.61 -31.70
C THR B 20 -2.02 13.63 -31.54
N MET B 21 -1.36 14.59 -32.17
CA MET B 21 0.09 14.74 -32.10
C MET B 21 0.47 16.22 -32.02
N THR B 22 1.41 16.52 -31.13
CA THR B 22 1.93 17.88 -30.99
C THR B 22 3.07 18.10 -31.99
N LYS B 23 3.46 19.36 -32.18
CA LYS B 23 4.61 19.70 -33.04
C LYS B 23 5.94 19.14 -32.52
N TRP B 24 6.00 18.81 -31.23
CA TRP B 24 7.17 18.14 -30.66
C TRP B 24 6.99 16.62 -30.55
N LYS B 25 6.00 16.11 -31.28
CA LYS B 25 5.77 14.66 -31.47
C LYS B 25 5.29 13.90 -30.24
N ALA B 26 4.72 14.63 -29.27
CA ALA B 26 4.06 14.00 -28.13
C ALA B 26 2.64 13.61 -28.53
N PRO B 27 2.20 12.40 -28.16
CA PRO B 27 0.83 12.00 -28.46
C PRO B 27 -0.18 12.71 -27.56
N VAL B 28 -1.36 13.00 -28.11
CA VAL B 28 -2.51 13.43 -27.31
C VAL B 28 -3.45 12.23 -27.29
N VAL B 29 -3.64 11.66 -26.10
CA VAL B 29 -4.33 10.38 -25.95
C VAL B 29 -5.86 10.59 -25.90
N TRP B 30 -6.52 10.15 -26.98
CA TRP B 30 -7.97 10.20 -27.11
C TRP B 30 -8.50 8.78 -27.08
N GLU B 31 -9.76 8.63 -26.65
CA GLU B 31 -10.45 7.33 -26.74
C GLU B 31 -10.44 6.83 -28.19
N GLY B 32 -10.02 5.58 -28.37
CA GLY B 32 -9.94 4.98 -29.70
C GLY B 32 -8.51 4.85 -30.19
N THR B 33 -7.63 5.73 -29.71
CA THR B 33 -6.24 5.80 -30.21
C THR B 33 -5.30 4.81 -29.54
N TYR B 34 -5.66 4.33 -28.35
CA TYR B 34 -4.75 3.53 -27.52
C TYR B 34 -5.08 2.04 -27.51
N ASN B 35 -4.03 1.23 -27.45
CA ASN B 35 -4.12 -0.22 -27.28
C ASN B 35 -3.72 -0.60 -25.86
N ARG B 36 -4.70 -0.59 -24.95
CA ARG B 36 -4.43 -0.84 -23.53
C ARG B 36 -3.90 -2.26 -23.26
N ALA B 37 -4.41 -3.25 -24.01
CA ALA B 37 -3.95 -4.64 -23.89
C ALA B 37 -2.44 -4.79 -24.11
N VAL B 38 -1.92 -4.15 -25.16
CA VAL B 38 -0.49 -4.14 -25.44
C VAL B 38 0.30 -3.51 -24.29
N LEU B 39 -0.21 -2.40 -23.77
CA LEU B 39 0.45 -1.67 -22.68
C LEU B 39 0.38 -2.41 -21.34
N ASP B 40 -0.78 -2.97 -21.02
CA ASP B 40 -0.95 -3.77 -19.81
C ASP B 40 0.05 -4.93 -19.75
N ASN B 41 0.20 -5.64 -20.86
CA ASN B 41 1.17 -6.72 -20.98
C ASN B 41 2.60 -6.22 -20.76
N TYR B 42 2.96 -5.16 -21.47
CA TYR B 42 4.30 -4.56 -21.40
C TYR B 42 4.67 -4.08 -19.99
N TYR B 43 3.73 -3.42 -19.32
CA TYR B 43 3.99 -2.87 -18.00
C TYR B 43 3.94 -3.92 -16.89
N ALA B 44 3.07 -4.91 -17.05
CA ALA B 44 2.99 -6.04 -16.11
C ALA B 44 4.29 -6.86 -16.06
N LYS B 45 4.97 -6.95 -17.20
CA LYS B 45 6.26 -7.64 -17.28
C LYS B 45 7.37 -6.83 -16.61
N GLN B 46 7.20 -5.51 -16.59
CA GLN B 46 8.12 -4.63 -15.87
C GLN B 46 7.81 -4.57 -14.37
N LYS B 47 6.65 -5.10 -13.99
CA LYS B 47 6.17 -5.03 -12.60
C LYS B 47 6.21 -3.59 -12.09
N ILE B 48 5.47 -2.70 -12.74
CA ILE B 48 5.42 -1.31 -12.31
C ILE B 48 4.44 -1.12 -11.15
N THR B 49 4.65 -0.04 -10.40
CA THR B 49 3.70 0.43 -9.42
C THR B 49 3.41 1.90 -9.75
N VAL B 50 2.14 2.28 -9.68
CA VAL B 50 1.72 3.64 -10.00
C VAL B 50 1.23 4.33 -8.73
N GLY B 51 1.70 5.56 -8.52
CA GLY B 51 1.28 6.36 -7.37
C GLY B 51 0.23 7.39 -7.74
N LEU B 52 -0.54 7.81 -6.73
CA LEU B 52 -1.56 8.83 -6.90
C LEU B 52 -1.66 9.65 -5.62
N THR B 53 -1.32 10.94 -5.72
CA THR B 53 -1.45 11.87 -4.60
C THR B 53 -2.77 12.63 -4.69
N VAL B 54 -3.38 12.87 -3.54
CA VAL B 54 -4.61 13.66 -3.46
C VAL B 54 -4.67 14.42 -2.12
N PHE B 55 -5.00 15.70 -2.21
CA PHE B 55 -5.12 16.57 -1.04
C PHE B 55 -6.59 16.83 -0.73
N ALA B 56 -6.93 16.79 0.55
CA ALA B 56 -8.25 17.18 1.01
C ALA B 56 -8.10 17.90 2.34
N VAL B 57 -8.24 19.22 2.30
CA VAL B 57 -8.07 20.07 3.48
C VAL B 57 -9.38 20.80 3.73
N GLY B 58 -9.84 20.78 4.98
CA GLY B 58 -11.12 21.40 5.34
C GLY B 58 -12.29 20.56 4.87
N ARG B 59 -13.35 21.22 4.45
CA ARG B 59 -14.59 20.54 4.08
C ARG B 59 -14.53 19.84 2.71
N TYR B 60 -13.40 20.00 2.02
CA TYR B 60 -13.08 19.19 0.86
C TYR B 60 -13.05 17.70 1.22
N ILE B 61 -12.69 17.41 2.48
CA ILE B 61 -12.69 16.02 2.96
C ILE B 61 -14.10 15.41 2.87
N GLU B 62 -15.05 16.00 3.60
CA GLU B 62 -16.44 15.52 3.63
C GLU B 62 -17.13 15.54 2.28
N HIS B 63 -16.84 16.55 1.47
CA HIS B 63 -17.53 16.69 0.19
C HIS B 63 -17.01 15.77 -0.91
N TYR B 64 -15.70 15.49 -0.92
CA TYR B 64 -15.08 14.88 -2.11
C TYR B 64 -14.20 13.65 -1.93
N LEU B 65 -13.61 13.47 -0.74
CA LEU B 65 -12.55 12.48 -0.59
C LEU B 65 -12.99 11.02 -0.78
N GLU B 66 -14.10 10.65 -0.15
N GLU B 66 -14.10 10.65 -0.15
CA GLU B 66 -14.66 9.30 -0.27
CA GLU B 66 -14.64 9.30 -0.27
C GLU B 66 -14.98 8.96 -1.72
C GLU B 66 -15.01 8.94 -1.71
N GLU B 67 -15.67 9.87 -2.40
CA GLU B 67 -16.08 9.66 -3.80
C GLU B 67 -14.89 9.55 -4.75
N PHE B 68 -13.86 10.36 -4.50
CA PHE B 68 -12.63 10.30 -5.28
C PHE B 68 -11.96 8.94 -5.12
N LEU B 69 -11.76 8.55 -3.86
CA LEU B 69 -11.03 7.31 -3.54
C LEU B 69 -11.78 6.04 -3.93
N THR B 70 -13.10 6.06 -3.77
CA THR B 70 -13.94 4.93 -4.18
C THR B 70 -13.87 4.73 -5.69
N SER B 71 -13.92 5.84 -6.43
CA SER B 71 -13.84 5.80 -7.89
C SER B 71 -12.42 5.47 -8.39
N ALA B 72 -11.41 5.94 -7.66
CA ALA B 72 -10.01 5.64 -7.97
C ALA B 72 -9.69 4.14 -7.80
N ASN B 73 -10.17 3.58 -6.69
CA ASN B 73 -10.07 2.13 -6.43
C ASN B 73 -10.60 1.30 -7.61
N LYS B 74 -11.77 1.69 -8.11
CA LYS B 74 -12.45 1.00 -9.19
C LYS B 74 -11.78 1.17 -10.56
N HIS B 75 -11.26 2.37 -10.85
CA HIS B 75 -10.92 2.75 -12.22
C HIS B 75 -9.45 3.03 -12.54
N PHE B 76 -8.65 3.35 -11.53
CA PHE B 76 -7.27 3.81 -11.73
C PHE B 76 -6.27 2.66 -11.86
N MET B 77 -5.68 2.53 -13.05
CA MET B 77 -4.62 1.54 -13.32
C MET B 77 -4.95 0.10 -12.89
N VAL B 78 -6.17 -0.34 -13.18
CA VAL B 78 -6.62 -1.69 -12.82
C VAL B 78 -5.70 -2.75 -13.42
N GLY B 79 -5.31 -3.73 -12.60
CA GLY B 79 -4.40 -4.79 -13.04
C GLY B 79 -2.95 -4.55 -12.64
N HIS B 80 -2.68 -3.40 -12.03
CA HIS B 80 -1.33 -3.03 -11.61
C HIS B 80 -1.34 -2.54 -10.17
N PRO B 81 -0.25 -2.81 -9.42
CA PRO B 81 -0.12 -2.26 -8.07
C PRO B 81 -0.23 -0.73 -8.07
N VAL B 82 -1.03 -0.22 -7.15
CA VAL B 82 -1.29 1.20 -7.02
C VAL B 82 -1.21 1.60 -5.54
N ILE B 83 -0.58 2.75 -5.27
CA ILE B 83 -0.53 3.32 -3.91
C ILE B 83 -1.19 4.70 -3.91
N PHE B 84 -2.21 4.88 -3.08
CA PHE B 84 -2.83 6.18 -2.91
C PHE B 84 -2.15 6.93 -1.76
N TYR B 85 -1.67 8.15 -2.04
CA TYR B 85 -1.07 9.00 -1.02
C TYR B 85 -2.05 10.10 -0.66
N ILE B 86 -2.58 10.04 0.55
CA ILE B 86 -3.66 10.92 0.96
C ILE B 86 -3.15 11.95 1.96
N MET B 87 -3.27 13.23 1.61
CA MET B 87 -2.84 14.34 2.44
C MET B 87 -4.06 15.09 2.99
N VAL B 88 -4.27 15.00 4.29
CA VAL B 88 -5.40 15.67 4.96
C VAL B 88 -4.92 16.48 6.16
N ASP B 89 -5.67 17.51 6.53
CA ASP B 89 -5.33 18.29 7.72
C ASP B 89 -5.92 17.67 8.99
N ASP B 90 -6.90 16.78 8.82
CA ASP B 90 -7.55 16.14 9.95
C ASP B 90 -7.77 14.66 9.63
N VAL B 91 -6.92 13.81 10.19
CA VAL B 91 -6.95 12.36 9.92
C VAL B 91 -8.17 11.67 10.55
N SER B 92 -8.76 12.26 11.59
CA SER B 92 -9.94 11.70 12.24
C SER B 92 -11.19 11.74 11.34
N ARG B 93 -11.15 12.57 10.30
CA ARG B 93 -12.25 12.69 9.35
C ARG B 93 -11.98 11.95 8.03
N MET B 94 -10.87 11.23 7.99
CA MET B 94 -10.50 10.43 6.82
C MET B 94 -11.48 9.27 6.64
N PRO B 95 -12.18 9.22 5.48
CA PRO B 95 -13.05 8.08 5.24
C PRO B 95 -12.21 6.85 4.89
N LEU B 96 -12.34 5.79 5.67
CA LEU B 96 -11.58 4.56 5.45
C LEU B 96 -12.41 3.56 4.66
N ILE B 97 -12.36 3.71 3.34
CA ILE B 97 -13.09 2.83 2.43
C ILE B 97 -12.35 1.50 2.26
N GLU B 98 -13.07 0.48 1.80
CA GLU B 98 -12.45 -0.79 1.46
C GLU B 98 -11.82 -0.72 0.07
N LEU B 99 -10.57 -1.13 -0.02
CA LEU B 99 -9.84 -1.14 -1.29
C LEU B 99 -9.81 -2.54 -1.87
N GLY B 100 -9.76 -2.61 -3.20
CA GLY B 100 -9.76 -3.87 -3.93
C GLY B 100 -8.37 -4.37 -4.23
N PRO B 101 -8.25 -5.48 -5.00
CA PRO B 101 -6.96 -6.07 -5.32
C PRO B 101 -6.00 -5.07 -5.95
N LEU B 102 -4.75 -5.09 -5.49
CA LEU B 102 -3.66 -4.28 -6.02
C LEU B 102 -3.74 -2.78 -5.69
N ARG B 103 -4.65 -2.43 -4.78
CA ARG B 103 -4.70 -1.10 -4.19
C ARG B 103 -4.22 -1.14 -2.74
N SER B 104 -3.44 -0.13 -2.36
CA SER B 104 -3.15 0.12 -0.96
C SER B 104 -3.00 1.63 -0.77
N PHE B 105 -2.86 2.07 0.48
CA PHE B 105 -2.76 3.51 0.73
C PHE B 105 -1.91 3.85 1.94
N LYS B 106 -1.62 5.14 2.07
CA LYS B 106 -1.17 5.72 3.33
C LYS B 106 -1.58 7.19 3.42
N VAL B 107 -1.77 7.64 4.66
CA VAL B 107 -2.32 8.96 4.95
C VAL B 107 -1.29 9.77 5.72
N PHE B 108 -1.21 11.05 5.38
CA PHE B 108 -0.34 12.00 6.05
C PHE B 108 -1.13 13.19 6.55
N LYS B 109 -0.89 13.56 7.80
CA LYS B 109 -1.44 14.79 8.36
C LYS B 109 -0.59 15.97 7.91
N ILE B 110 -1.22 16.95 7.28
CA ILE B 110 -0.55 18.18 6.86
C ILE B 110 -1.14 19.41 7.53
N LYS B 111 -0.35 20.49 7.53
CA LYS B 111 -0.79 21.78 8.03
C LYS B 111 -1.80 22.41 7.07
N PRO B 112 -2.94 22.89 7.59
CA PRO B 112 -3.86 23.65 6.74
C PRO B 112 -3.39 25.09 6.58
N GLU B 113 -3.20 25.53 5.34
CA GLU B 113 -2.86 26.93 5.07
C GLU B 113 -4.11 27.77 5.25
N LYS B 114 -3.94 29.04 5.65
CA LYS B 114 -5.07 29.91 5.98
C LYS B 114 -5.97 30.23 4.78
N ARG B 115 -5.35 30.48 3.63
CA ARG B 115 -6.09 30.81 2.41
C ARG B 115 -6.19 29.59 1.50
N TRP B 116 -7.37 29.36 0.93
CA TRP B 116 -7.58 28.26 0.00
C TRP B 116 -6.59 28.31 -1.18
N GLN B 117 -6.22 29.52 -1.60
CA GLN B 117 -5.24 29.70 -2.68
C GLN B 117 -3.90 29.11 -2.28
N ASP B 118 -3.49 29.33 -1.03
CA ASP B 118 -2.26 28.74 -0.51
C ASP B 118 -2.37 27.24 -0.26
N ILE B 119 -3.57 26.75 0.08
CA ILE B 119 -3.80 25.31 0.19
C ILE B 119 -3.53 24.64 -1.17
N SER B 120 -4.09 25.23 -2.22
CA SER B 120 -3.91 24.74 -3.58
C SER B 120 -2.44 24.79 -4.02
N MET B 121 -1.77 25.92 -3.80
CA MET B 121 -0.40 26.13 -4.24
C MET B 121 0.68 25.37 -3.45
N MET B 122 0.46 25.22 -2.15
CA MET B 122 1.41 24.52 -1.27
C MET B 122 1.56 23.03 -1.60
N ARG B 123 0.57 22.49 -2.31
CA ARG B 123 0.64 21.10 -2.79
C ARG B 123 1.93 20.85 -3.57
N MET B 124 2.36 21.84 -4.34
CA MET B 124 3.60 21.74 -5.12
C MET B 124 4.81 21.48 -4.23
N LYS B 125 4.89 22.17 -3.09
CA LYS B 125 5.98 21.97 -2.14
C LYS B 125 5.88 20.59 -1.48
N THR B 126 4.69 20.26 -1.00
CA THR B 126 4.43 19.01 -0.26
C THR B 126 4.69 17.77 -1.11
N ILE B 127 4.21 17.76 -2.36
CA ILE B 127 4.43 16.64 -3.28
C ILE B 127 5.92 16.38 -3.46
N GLY B 128 6.69 17.44 -3.70
CA GLY B 128 8.15 17.34 -3.87
C GLY B 128 8.85 16.74 -2.66
N GLU B 129 8.47 17.20 -1.47
CA GLU B 129 9.01 16.65 -0.23
C GLU B 129 8.74 15.14 -0.13
N HIS B 130 7.52 14.73 -0.46
CA HIS B 130 7.16 13.31 -0.39
C HIS B 130 7.83 12.49 -1.48
N ILE B 131 8.06 13.08 -2.65
CA ILE B 131 8.81 12.40 -3.70
C ILE B 131 10.22 12.05 -3.21
N VAL B 132 10.92 13.04 -2.66
CA VAL B 132 12.27 12.84 -2.13
C VAL B 132 12.28 11.83 -0.97
N ALA B 133 11.37 12.02 -0.02
CA ALA B 133 11.32 11.18 1.18
C ALA B 133 10.98 9.72 0.90
N HIS B 134 10.02 9.45 0.01
CA HIS B 134 9.55 8.08 -0.16
C HIS B 134 8.99 7.69 -1.54
N ILE B 135 8.28 8.59 -2.21
CA ILE B 135 7.59 8.22 -3.45
C ILE B 135 8.53 7.73 -4.55
N GLN B 136 9.71 8.35 -4.66
CA GLN B 136 10.71 7.93 -5.65
C GLN B 136 11.14 6.47 -5.50
N HIS B 137 11.05 5.94 -4.27
CA HIS B 137 11.46 4.56 -3.98
C HIS B 137 10.31 3.56 -4.08
N GLU B 138 9.10 4.06 -4.34
CA GLU B 138 7.89 3.24 -4.22
C GLU B 138 7.19 2.97 -5.54
N VAL B 139 7.28 3.92 -6.47
CA VAL B 139 6.52 3.84 -7.72
C VAL B 139 7.39 4.18 -8.93
N ASP B 140 6.91 3.76 -10.11
CA ASP B 140 7.57 4.07 -11.37
C ASP B 140 6.99 5.31 -12.01
N PHE B 141 5.70 5.54 -11.74
CA PHE B 141 4.96 6.68 -12.26
C PHE B 141 4.04 7.22 -11.16
N LEU B 142 3.83 8.53 -11.18
CA LEU B 142 2.99 9.19 -10.20
C LEU B 142 2.05 10.17 -10.90
N PHE B 143 0.78 10.15 -10.50
CA PHE B 143 -0.14 11.21 -10.87
C PHE B 143 -0.48 12.04 -9.64
N CYS B 144 -0.62 13.34 -9.85
CA CYS B 144 -1.04 14.28 -8.80
C CYS B 144 -2.35 14.90 -9.22
N MET B 145 -3.39 14.72 -8.40
CA MET B 145 -4.76 15.06 -8.79
C MET B 145 -5.52 15.89 -7.76
N ASP B 146 -6.41 16.74 -8.26
CA ASP B 146 -7.43 17.42 -7.44
C ASP B 146 -8.39 16.39 -6.84
N VAL B 147 -8.97 16.73 -5.69
CA VAL B 147 -9.94 15.84 -5.03
C VAL B 147 -11.37 16.03 -5.56
N ASP B 148 -11.65 17.20 -6.12
CA ASP B 148 -13.02 17.58 -6.52
C ASP B 148 -13.41 17.07 -7.91
N GLN B 149 -13.25 15.75 -8.08
CA GLN B 149 -13.55 15.08 -9.35
C GLN B 149 -13.74 13.59 -9.07
N VAL B 150 -14.30 12.87 -10.04
CA VAL B 150 -14.66 11.47 -9.86
C VAL B 150 -14.26 10.65 -11.09
N PHE B 151 -13.57 9.54 -10.88
CA PHE B 151 -13.29 8.58 -11.96
C PHE B 151 -14.60 7.97 -12.45
N GLN B 152 -14.77 7.94 -13.77
CA GLN B 152 -16.02 7.44 -14.37
C GLN B 152 -15.81 6.17 -15.19
N ASP B 153 -14.60 5.99 -15.69
CA ASP B 153 -14.22 4.78 -16.42
C ASP B 153 -12.72 4.55 -16.31
N LYS B 154 -12.24 3.50 -16.97
CA LYS B 154 -10.84 3.09 -16.88
C LYS B 154 -9.86 4.20 -17.23
N PHE B 155 -8.97 4.47 -16.29
CA PHE B 155 -7.93 5.48 -16.40
C PHE B 155 -6.63 4.69 -16.24
N GLY B 156 -6.13 4.15 -17.35
CA GLY B 156 -5.10 3.11 -17.28
C GLY B 156 -3.72 3.49 -17.79
N VAL B 157 -2.93 2.45 -18.06
CA VAL B 157 -1.51 2.59 -18.40
C VAL B 157 -1.22 3.40 -19.68
N GLU B 158 -2.26 3.64 -20.48
CA GLU B 158 -2.14 4.46 -21.68
C GLU B 158 -1.83 5.93 -21.35
N THR B 159 -2.04 6.31 -20.09
CA THR B 159 -1.80 7.67 -19.62
C THR B 159 -0.38 7.87 -19.05
N LEU B 160 0.38 6.78 -18.92
CA LEU B 160 1.73 6.85 -18.34
C LEU B 160 2.74 7.45 -19.31
N GLY B 161 3.71 8.18 -18.76
CA GLY B 161 4.79 8.79 -19.55
C GLY B 161 5.77 9.51 -18.64
N GLU B 162 6.82 10.10 -19.19
CA GLU B 162 7.84 10.80 -18.47
CA GLU B 162 7.79 10.77 -18.34
C GLU B 162 7.37 12.14 -17.81
N SER B 163 6.48 12.81 -18.55
CA SER B 163 5.74 13.93 -17.99
C SER B 163 4.41 14.04 -18.72
N VAL B 164 3.33 14.03 -17.95
CA VAL B 164 1.98 13.93 -18.48
C VAL B 164 1.14 15.16 -18.11
N ALA B 165 0.51 15.76 -19.10
CA ALA B 165 -0.31 16.94 -18.91
C ALA B 165 -1.74 16.66 -19.35
N GLN B 166 -2.67 17.46 -18.84
CA GLN B 166 -4.10 17.29 -19.09
C GLN B 166 -4.66 18.51 -19.82
N LEU B 167 -5.35 18.30 -20.93
CA LEU B 167 -6.06 19.39 -21.60
C LEU B 167 -7.28 19.80 -20.78
N GLN B 168 -7.37 21.09 -20.48
CA GLN B 168 -8.51 21.61 -19.72
C GLN B 168 -9.74 21.60 -20.62
N ALA B 169 -10.84 21.05 -20.08
CA ALA B 169 -12.07 20.77 -20.85
C ALA B 169 -12.67 21.95 -21.61
N TRP B 170 -12.57 23.15 -21.03
CA TRP B 170 -13.22 24.33 -21.60
C TRP B 170 -12.42 25.01 -22.72
N TRP B 171 -11.12 24.76 -22.76
CA TRP B 171 -10.21 25.54 -23.61
C TRP B 171 -9.50 24.76 -24.73
N TYR B 172 -9.80 23.47 -24.86
CA TYR B 172 -9.03 22.58 -25.75
C TYR B 172 -9.16 22.91 -27.24
N LYS B 173 -10.25 23.58 -27.63
CA LYS B 173 -10.45 24.02 -29.00
C LYS B 173 -10.04 25.48 -29.21
N ALA B 174 -9.77 26.18 -28.11
CA ALA B 174 -9.48 27.61 -28.17
C ALA B 174 -8.13 27.92 -28.80
N ASP B 175 -7.99 29.16 -29.28
CA ASP B 175 -6.71 29.69 -29.71
C ASP B 175 -5.90 30.19 -28.52
N PRO B 176 -4.56 30.07 -28.56
CA PRO B 176 -3.68 30.45 -27.46
C PRO B 176 -3.92 31.85 -26.88
N ASN B 177 -4.21 32.82 -27.73
CA ASN B 177 -4.47 34.18 -27.27
C ASN B 177 -5.78 34.33 -26.48
N ASP B 178 -6.60 33.28 -26.49
CA ASP B 178 -7.81 33.21 -25.66
C ASP B 178 -7.58 32.50 -24.32
N PHE B 179 -6.46 31.77 -24.22
CA PHE B 179 -6.14 31.02 -23.00
C PHE B 179 -5.98 31.94 -21.80
N THR B 180 -6.47 31.50 -20.65
CA THR B 180 -6.38 32.26 -19.41
C THR B 180 -5.01 32.07 -18.74
N TYR B 181 -3.94 32.22 -19.51
CA TYR B 181 -2.59 32.29 -18.96
C TYR B 181 -2.48 33.53 -18.09
N GLU B 182 -1.52 33.53 -17.16
CA GLU B 182 -1.14 34.75 -16.45
C GLU B 182 -0.48 35.69 -17.46
N ARG B 183 -0.99 36.91 -17.56
CA ARG B 183 -0.56 37.87 -18.58
C ARG B 183 0.24 39.07 -18.06
N ARG B 184 0.48 39.12 -16.75
CA ARG B 184 1.28 40.18 -16.15
C ARG B 184 2.74 39.76 -16.08
N LYS B 185 3.61 40.54 -16.74
CA LYS B 185 5.05 40.25 -16.81
C LYS B 185 5.75 40.19 -15.45
N GLU B 186 5.11 40.77 -14.43
CA GLU B 186 5.66 40.78 -13.08
C GLU B 186 5.60 39.41 -12.39
N SER B 187 4.73 38.53 -12.88
CA SER B 187 4.62 37.18 -12.33
C SER B 187 5.56 36.21 -13.02
N ALA B 188 6.03 35.21 -12.27
CA ALA B 188 6.88 34.15 -12.81
C ALA B 188 6.12 33.23 -13.77
N ALA B 189 4.78 33.24 -13.65
CA ALA B 189 3.91 32.42 -14.49
C ALA B 189 3.58 33.06 -15.84
N TYR B 190 4.08 34.29 -16.05
CA TYR B 190 3.78 35.07 -17.26
C TYR B 190 4.06 34.33 -18.56
N ILE B 191 3.03 34.27 -19.41
CA ILE B 191 3.18 33.81 -20.78
C ILE B 191 2.65 34.91 -21.71
N PRO B 192 3.53 35.43 -22.59
CA PRO B 192 3.14 36.54 -23.48
C PRO B 192 2.11 36.08 -24.51
N PHE B 193 1.26 37.01 -24.95
CA PHE B 193 0.43 36.77 -26.12
C PHE B 193 1.33 36.45 -27.30
N GLY B 194 0.86 35.55 -28.17
CA GLY B 194 1.68 35.02 -29.26
C GLY B 194 2.47 33.77 -28.88
N GLU B 195 2.35 33.37 -27.62
CA GLU B 195 3.04 32.19 -27.11
C GLU B 195 2.07 31.22 -26.44
N GLY B 196 2.41 29.94 -26.43
CA GLY B 196 1.56 28.89 -25.85
C GLY B 196 1.18 27.80 -26.84
N ASP B 197 1.13 26.57 -26.35
CA ASP B 197 0.70 25.44 -27.14
C ASP B 197 -0.74 25.04 -26.79
N PHE B 198 -0.97 24.80 -25.50
CA PHE B 198 -2.26 24.35 -24.99
C PHE B 198 -2.54 25.00 -23.63
N TYR B 199 -3.79 24.96 -23.19
CA TYR B 199 -4.08 25.30 -21.80
C TYR B 199 -4.25 24.04 -20.97
N TYR B 200 -3.30 23.80 -20.07
CA TYR B 200 -3.28 22.58 -19.25
C TYR B 200 -4.05 22.76 -17.94
N HIS B 201 -4.76 21.71 -17.55
CA HIS B 201 -5.53 21.68 -16.31
C HIS B 201 -4.62 21.20 -15.18
N ALA B 202 -4.58 21.95 -14.09
CA ALA B 202 -3.74 21.59 -12.94
C ALA B 202 -4.37 20.48 -12.08
N ALA B 203 -5.61 20.11 -12.41
CA ALA B 203 -6.32 19.06 -11.70
C ALA B 203 -5.71 17.66 -11.93
N ILE B 204 -4.99 17.48 -13.03
CA ILE B 204 -4.26 16.24 -13.29
C ILE B 204 -2.92 16.56 -13.96
N PHE B 205 -1.83 16.10 -13.33
CA PHE B 205 -0.53 16.04 -13.99
C PHE B 205 0.23 14.88 -13.39
N GLY B 206 1.22 14.38 -14.13
CA GLY B 206 1.98 13.23 -13.66
C GLY B 206 3.24 12.99 -14.45
N GLY B 207 3.82 11.81 -14.26
CA GLY B 207 5.05 11.41 -14.91
C GLY B 207 5.86 10.50 -14.01
N THR B 208 7.16 10.37 -14.31
CA THR B 208 8.10 9.68 -13.41
C THR B 208 8.29 10.54 -12.16
N PRO B 209 8.65 9.91 -11.01
CA PRO B 209 8.96 10.72 -9.82
C PRO B 209 9.99 11.82 -10.09
N THR B 210 11.03 11.52 -10.87
CA THR B 210 12.03 12.50 -11.27
C THR B 210 11.43 13.72 -11.97
N GLN B 211 10.56 13.48 -12.95
CA GLN B 211 9.93 14.58 -13.69
C GLN B 211 8.92 15.36 -12.85
N VAL B 212 8.09 14.65 -12.07
CA VAL B 212 7.11 15.30 -11.21
C VAL B 212 7.81 16.15 -10.15
N LEU B 213 8.93 15.65 -9.63
CA LEU B 213 9.76 16.44 -8.70
C LEU B 213 10.15 17.77 -9.33
N ASN B 214 10.61 17.74 -10.58
CA ASN B 214 11.01 18.96 -11.28
C ASN B 214 9.82 19.88 -11.53
N ILE B 215 8.69 19.30 -11.97
CA ILE B 215 7.46 20.05 -12.21
C ILE B 215 7.08 20.84 -10.96
N THR B 216 6.95 20.13 -9.84
CA THR B 216 6.52 20.74 -8.58
C THR B 216 7.55 21.71 -8.00
N GLN B 217 8.83 21.34 -8.08
CA GLN B 217 9.91 22.22 -7.61
C GLN B 217 9.90 23.55 -8.34
N GLU B 218 9.80 23.51 -9.67
CA GLU B 218 9.84 24.72 -10.48
C GLU B 218 8.59 25.56 -10.32
N CYS B 219 7.43 24.91 -10.22
CA CYS B 219 6.18 25.64 -9.95
C CYS B 219 6.24 26.34 -8.59
N PHE B 220 6.72 25.64 -7.56
CA PHE B 220 6.78 26.23 -6.23
C PHE B 220 7.81 27.38 -6.11
N LYS B 221 8.92 27.26 -6.84
CA LYS B 221 9.88 28.38 -6.95
C LYS B 221 9.20 29.63 -7.54
N GLY B 222 8.39 29.46 -8.58
CA GLY B 222 7.63 30.56 -9.17
C GLY B 222 6.59 31.13 -8.21
N ILE B 223 5.93 30.25 -7.47
CA ILE B 223 4.95 30.65 -6.45
C ILE B 223 5.62 31.50 -5.36
N LEU B 224 6.79 31.07 -4.91
CA LEU B 224 7.57 31.80 -3.90
C LEU B 224 8.10 33.15 -4.40
N LYS B 225 8.57 33.17 -5.65
CA LYS B 225 9.08 34.41 -6.25
C LYS B 225 7.97 35.46 -6.34
N ASP B 226 6.79 35.03 -6.79
CA ASP B 226 5.63 35.90 -6.89
C ASP B 226 5.28 36.56 -5.56
N LYS B 227 5.31 35.77 -4.49
CA LYS B 227 5.05 36.28 -3.13
C LYS B 227 6.04 37.40 -2.75
N LYS B 228 7.29 37.25 -3.14
CA LYS B 228 8.33 38.26 -2.87
C LYS B 228 8.13 39.54 -3.70
N ASN B 229 7.42 39.40 -4.82
CA ASN B 229 7.10 40.53 -5.69
C ASN B 229 5.66 41.05 -5.51
N ASP B 230 5.01 40.59 -4.43
CA ASP B 230 3.65 41.03 -4.06
C ASP B 230 2.67 40.84 -5.22
N ILE B 231 2.68 39.65 -5.81
CA ILE B 231 1.78 39.30 -6.89
C ILE B 231 1.34 37.85 -6.72
N GLU B 232 0.13 37.54 -7.17
CA GLU B 232 -0.38 36.17 -7.14
C GLU B 232 -1.02 35.85 -8.48
N ALA B 233 -0.51 34.81 -9.13
CA ALA B 233 -0.96 34.43 -10.47
C ALA B 233 -2.47 34.20 -10.52
N GLN B 234 -3.08 34.55 -11.65
CA GLN B 234 -4.54 34.54 -11.80
C GLN B 234 -5.19 33.20 -11.42
N TRP B 235 -4.61 32.10 -11.89
CA TRP B 235 -5.11 30.78 -11.56
C TRP B 235 -4.12 29.96 -10.75
N HIS B 236 -3.31 30.68 -9.98
CA HIS B 236 -2.50 30.11 -8.91
C HIS B 236 -1.53 29.06 -9.43
N ASP B 237 -1.56 27.86 -8.86
CA ASP B 237 -0.62 26.79 -9.29
C ASP B 237 -0.82 26.39 -10.75
N GLU B 238 -2.04 26.53 -11.26
CA GLU B 238 -2.34 26.22 -12.65
C GLU B 238 -1.64 27.15 -13.64
N SER B 239 -1.56 28.44 -13.30
CA SER B 239 -0.84 29.41 -14.09
C SER B 239 0.63 29.03 -14.17
N HIS B 240 1.21 28.69 -13.00
CA HIS B 240 2.60 28.25 -12.93
C HIS B 240 2.84 26.95 -13.68
N LEU B 241 1.88 26.01 -13.57
CA LEU B 241 1.99 24.74 -14.29
C LEU B 241 2.02 24.94 -15.80
N ASN B 242 1.19 25.87 -16.28
CA ASN B 242 1.16 26.20 -17.70
C ASN B 242 2.47 26.79 -18.21
N LYS B 243 3.11 27.63 -17.38
CA LYS B 243 4.43 28.19 -17.70
C LYS B 243 5.49 27.10 -17.74
N TYR B 244 5.43 26.17 -16.78
CA TYR B 244 6.35 25.04 -16.76
C TYR B 244 6.26 24.20 -18.04
N PHE B 245 5.04 23.80 -18.40
CA PHE B 245 4.82 22.96 -19.58
C PHE B 245 5.07 23.68 -20.91
N LEU B 246 5.12 25.02 -20.88
CA LEU B 246 5.52 25.79 -22.06
C LEU B 246 7.02 25.64 -22.31
N LEU B 247 7.80 25.74 -21.23
CA LEU B 247 9.26 25.67 -21.27
C LEU B 247 9.74 24.22 -21.38
N ASN B 248 9.08 23.33 -20.63
CA ASN B 248 9.42 21.92 -20.59
C ASN B 248 8.22 21.12 -21.09
N LYS B 249 8.20 20.86 -22.38
CA LYS B 249 7.04 20.24 -23.04
C LYS B 249 6.74 18.85 -22.49
N PRO B 250 5.45 18.56 -22.23
CA PRO B 250 5.08 17.22 -21.75
C PRO B 250 5.31 16.18 -22.83
N THR B 251 5.74 14.98 -22.42
CA THR B 251 5.97 13.88 -23.37
C THR B 251 4.66 13.17 -23.74
N LYS B 252 3.60 13.49 -23.01
CA LYS B 252 2.26 12.96 -23.27
C LYS B 252 1.20 13.94 -22.79
N ILE B 253 0.15 14.11 -23.59
CA ILE B 253 -1.00 14.91 -23.20
C ILE B 253 -2.25 14.04 -23.17
N LEU B 254 -3.13 14.28 -22.21
CA LEU B 254 -4.40 13.58 -22.13
C LEU B 254 -5.51 14.47 -22.70
N SER B 255 -6.39 13.87 -23.50
CA SER B 255 -7.55 14.57 -24.03
C SER B 255 -8.50 14.97 -22.88
N PRO B 256 -9.42 15.92 -23.13
CA PRO B 256 -10.43 16.30 -22.11
C PRO B 256 -11.35 15.14 -21.67
N GLU B 257 -11.29 14.01 -22.38
CA GLU B 257 -12.04 12.81 -21.98
C GLU B 257 -11.56 12.31 -20.62
N TYR B 258 -10.30 12.60 -20.28
CA TYR B 258 -9.69 12.18 -19.02
C TYR B 258 -9.95 13.15 -17.86
N CYS B 259 -10.58 14.28 -18.15
CA CYS B 259 -10.98 15.26 -17.13
C CYS B 259 -12.07 16.18 -17.69
N TRP B 260 -13.30 15.67 -17.72
CA TRP B 260 -14.39 16.35 -18.42
C TRP B 260 -15.39 17.04 -17.49
N ASP B 261 -15.81 18.24 -17.90
CA ASP B 261 -16.84 18.97 -17.18
C ASP B 261 -18.21 18.81 -17.86
N TYR B 262 -19.08 18.03 -17.23
CA TYR B 262 -20.43 17.79 -17.76
C TYR B 262 -21.32 19.02 -17.88
N HIS B 263 -20.93 20.12 -17.23
CA HIS B 263 -21.63 21.39 -17.41
C HIS B 263 -21.57 21.89 -18.87
N ILE B 264 -20.53 21.47 -19.60
CA ILE B 264 -20.38 21.78 -21.02
C ILE B 264 -21.41 21.01 -21.86
N GLY B 265 -21.86 19.88 -21.32
CA GLY B 265 -22.66 18.92 -22.07
C GLY B 265 -21.77 17.75 -22.47
N LEU B 266 -22.13 17.09 -23.56
CA LEU B 266 -21.32 16.00 -24.09
C LEU B 266 -21.28 16.06 -25.61
N PRO B 267 -20.31 16.81 -26.16
CA PRO B 267 -20.20 16.98 -27.61
C PRO B 267 -19.58 15.76 -28.27
N ALA B 268 -19.56 15.75 -29.60
CA ALA B 268 -19.08 14.61 -30.40
C ALA B 268 -17.66 14.14 -30.07
N ASP B 269 -16.76 15.09 -29.78
CA ASP B 269 -15.36 14.78 -29.49
C ASP B 269 -15.14 13.92 -28.23
N ILE B 270 -16.09 13.96 -27.31
CA ILE B 270 -15.94 13.29 -26.02
C ILE B 270 -16.66 11.93 -26.05
N LYS B 271 -15.90 10.88 -26.37
CA LYS B 271 -16.49 9.56 -26.66
C LYS B 271 -16.72 8.68 -25.44
N LEU B 272 -15.77 8.72 -24.50
CA LEU B 272 -15.85 7.95 -23.27
C LEU B 272 -15.15 8.71 -22.14
N VAL B 273 -15.94 9.22 -21.21
CA VAL B 273 -15.43 10.01 -20.09
C VAL B 273 -14.76 9.11 -19.05
N LYS B 274 -13.52 9.42 -18.72
CA LYS B 274 -12.75 8.67 -17.73
C LYS B 274 -12.81 9.33 -16.35
N MET B 275 -12.97 10.65 -16.34
CA MET B 275 -13.05 11.43 -15.11
C MET B 275 -13.93 12.65 -15.33
N SER B 276 -14.72 13.01 -14.32
CA SER B 276 -15.60 14.18 -14.40
C SER B 276 -15.41 15.12 -13.21
N TRP B 277 -15.56 16.42 -13.46
CA TRP B 277 -15.49 17.43 -12.42
C TRP B 277 -16.67 17.30 -11.48
N GLN B 278 -16.44 17.53 -10.19
CA GLN B 278 -17.55 17.75 -9.27
C GLN B 278 -18.04 19.19 -9.44
N THR B 279 -19.35 19.38 -9.27
CA THR B 279 -19.92 20.73 -9.25
C THR B 279 -19.23 21.53 -8.15
N LYS B 280 -18.94 22.80 -8.43
CA LYS B 280 -18.26 23.67 -7.48
C LYS B 280 -19.19 24.03 -6.32
N GLU B 281 -18.64 24.05 -5.11
CA GLU B 281 -19.40 24.33 -3.91
C GLU B 281 -18.63 25.28 -3.00
N TYR B 282 -18.11 26.35 -3.59
CA TYR B 282 -17.18 27.27 -2.92
C TYR B 282 -17.72 27.92 -1.65
N ASN B 283 -19.02 28.22 -1.61
CA ASN B 283 -19.66 28.79 -0.42
C ASN B 283 -19.47 27.93 0.83
N VAL B 284 -19.47 26.61 0.64
CA VAL B 284 -19.28 25.67 1.75
C VAL B 284 -17.80 25.31 1.97
N VAL B 285 -17.12 24.87 0.91
CA VAL B 285 -15.79 24.26 1.04
C VAL B 285 -14.62 25.25 1.18
N ARG B 286 -14.84 26.50 0.80
CA ARG B 286 -13.81 27.54 0.95
C ARG B 286 -14.22 28.54 2.03
N ASN B 287 -13.22 29.07 2.74
CA ASN B 287 -13.47 29.96 3.88
C ASN B 287 -12.99 31.40 3.71
N ASN B 288 -12.46 31.71 2.51
CA ASN B 288 -12.08 33.07 2.16
C ASN B 288 -12.33 33.35 0.67
N VAL B 289 -12.34 34.63 0.28
CA VAL B 289 -12.56 35.01 -1.11
C VAL B 289 -11.32 34.75 -1.95
C1 147 C . 1.32 -19.81 26.84
C2 147 C . 0.82 -18.73 25.87
O2 147 C . 0.38 -17.58 26.59
C3 147 C . -0.35 -19.24 25.00
O3 147 C . -0.60 -18.29 23.97
C4 147 C . -0.04 -20.62 24.40
O4 147 C . 1.01 -20.50 23.42
C5 147 C . 0.37 -21.60 25.51
C6 147 C . 0.70 -23.01 25.01
O6 147 C . 1.11 -23.81 26.11
O5 147 C . 1.54 -21.08 26.17
O1 147 C . 2.59 -19.41 27.38
C1' 147 C . 2.90 -19.87 28.62
C2' 147 C . 2.75 -21.22 28.98
C3' 147 C . 3.08 -21.65 30.27
C4' 147 C . 3.59 -20.75 31.19
C5' 147 C . 3.76 -19.41 30.83
C6' 147 C . 3.42 -18.98 29.55
N1' 147 C . 3.93 -21.15 32.43
O2' 147 C . 4.35 -22.50 32.66
O3' 147 C . 3.88 -20.24 33.53
MN MN D . -1.18 -13.46 21.34
N1 UDP E . -8.00 -11.45 18.88
C2 UDP E . -8.69 -10.25 18.89
N3 UDP E . -9.72 -10.05 19.80
C4 UDP E . -10.08 -11.06 20.69
C5 UDP E . -9.39 -12.26 20.68
C6 UDP E . -8.34 -12.43 19.79
O2 UDP E . -8.39 -9.33 18.12
O4 UDP E . -11.00 -10.87 21.49
C1' UDP E . -6.90 -11.68 17.91
C2' UDP E . -5.70 -10.82 18.24
O2' UDP E . -5.04 -10.48 17.05
C3' UDP E . -4.84 -11.74 19.08
C4' UDP E . -5.10 -13.09 18.41
O4' UDP E . -6.45 -13.02 17.94
O3' UDP E . -3.49 -11.34 19.10
C5' UDP E . -4.92 -14.32 19.30
O5' UDP E . -5.51 -14.14 20.57
PA UDP E . -4.57 -13.87 21.85
O1A UDP E . -3.39 -13.08 21.46
O2A UDP E . -5.34 -13.19 22.92
O3A UDP E . -4.10 -15.35 22.27
PB UDP E . -2.81 -15.58 23.20
O1B UDP E . -2.86 -14.66 24.36
O2B UDP E . -1.58 -15.31 22.42
O3B UDP E . -2.82 -16.98 23.67
C1 GOL F . -5.85 -30.61 11.66
O1 GOL F . -5.95 -29.72 12.75
C2 GOL F . -5.09 -29.99 10.50
O2 GOL F . -4.32 -28.88 10.91
C3 GOL F . -4.16 -31.04 9.89
O3 GOL F . -3.43 -30.46 8.85
C1 GOL G . 4.93 -8.31 -5.82
O1 GOL G . 6.09 -7.62 -6.26
C2 GOL G . 4.57 -9.39 -6.81
O2 GOL G . 5.69 -10.21 -7.07
C3 GOL G . 3.44 -10.24 -6.24
O3 GOL G . 3.19 -11.36 -7.06
C1 GOL H . 11.43 1.72 -8.70
O1 GOL H . 11.87 2.79 -7.89
C2 GOL H . 10.34 0.93 -7.97
O2 GOL H . 9.32 1.81 -7.55
C3 GOL H . 9.75 -0.09 -8.94
O3 GOL H . 8.46 -0.50 -8.51
C1 GOL I . -1.15 -1.49 28.14
O1 GOL I . -2.48 -1.88 28.41
C2 GOL I . -0.94 -1.35 26.63
O2 GOL I . -2.16 -1.47 25.94
C3 GOL I . 0.04 -2.41 26.15
O3 GOL I . 1.22 -1.78 25.71
C1 GAL J . -12.32 27.13 -14.77
C2 GAL J . -11.95 26.12 -13.66
C3 GAL J . -10.67 26.54 -12.91
C4 GAL J . -9.56 26.95 -13.88
C5 GAL J . -10.07 28.01 -14.86
C6 GAL J . -8.97 28.50 -15.82
O2 GAL J . -13.04 25.98 -12.74
O3 GAL J . -10.22 25.46 -12.10
O4 GAL J . -9.09 25.80 -14.60
O5 GAL J . -11.17 27.43 -15.60
O6 GAL J . -9.58 29.24 -16.89
C1 NPO K . -15.62 29.00 -18.04
C2 NPO K . -14.26 29.23 -17.92
C3 NPO K . -13.49 28.41 -17.10
C4 NPO K . -14.07 27.36 -16.39
C5 NPO K . -15.44 27.13 -16.52
C6 NPO K . -16.21 27.95 -17.34
OH NPO K . -13.34 26.52 -15.59
N1 NPO K . -16.37 29.78 -18.83
O2 NPO K . -15.90 30.16 -20.13
O3 NPO K . -17.63 30.26 -18.38
MN MN L . -10.48 21.18 -8.78
N1 UDP M . -7.78 22.00 -1.79
C2 UDP M . -8.24 21.58 -0.54
N3 UDP M . -8.82 22.48 0.32
C4 UDP M . -8.97 23.81 -0.04
C5 UDP M . -8.53 24.24 -1.29
C6 UDP M . -7.92 23.32 -2.15
O2 UDP M . -8.12 20.41 -0.18
O4 UDP M . -9.50 24.58 0.76
C1' UDP M . -7.14 21.02 -2.72
C2' UDP M . -8.18 20.04 -3.23
O2' UDP M . -7.53 18.81 -3.50
C3' UDP M . -8.63 20.67 -4.52
C4' UDP M . -7.32 21.27 -5.03
O4' UDP M . -6.62 21.66 -3.87
O3' UDP M . -9.23 19.73 -5.38
C5' UDP M . -7.44 22.45 -6.00
O5' UDP M . -8.38 23.40 -5.56
PA UDP M . -9.84 23.48 -6.25
O1A UDP M . -10.23 22.16 -6.75
O2A UDP M . -10.84 24.03 -5.28
O3A UDP M . -9.61 24.49 -7.47
PB UDP M . -10.57 24.49 -8.75
O1B UDP M . -11.99 24.55 -8.32
O2B UDP M . -10.36 23.25 -9.53
O3B UDP M . -10.21 25.67 -9.57
C1 GOL N . 6.79 28.84 -12.46
O1 GOL N . 6.02 29.86 -13.06
C2 GOL N . 8.02 28.54 -13.29
O2 GOL N . 8.30 29.61 -14.18
C3 GOL N . 7.80 27.25 -14.08
O3 GOL N . 8.89 27.04 -14.95
C1 GOL O . -22.42 17.33 -2.73
O1 GOL O . -22.23 18.19 -1.63
C2 GOL O . -21.08 16.71 -3.15
O2 GOL O . -20.40 16.19 -2.03
C3 GOL O . -21.38 15.56 -4.11
O3 GOL O . -20.24 15.34 -4.91
#